data_7QHW
#
_entry.id   7QHW
#
_cell.length_a   126.120
_cell.length_b   108.463
_cell.length_c   110.314
_cell.angle_alpha   90.000
_cell.angle_beta   94.512
_cell.angle_gamma   90.000
#
_symmetry.space_group_name_H-M   'C 1 2 1'
#
loop_
_entity.id
_entity.type
_entity.pdbx_description
1 polymer 'Tau-tubulin kinase 1'
2 non-polymer ~{N}-[4-(4-chloranylphenoxy)phenyl]-7~{H}-pyrrolo[2,3-d]pyrimidin-4-amine
3 non-polymer 'SULFATE ION'
4 non-polymer GLYCEROL
5 water water
#
_entity_poly.entity_id   1
_entity_poly.type   'polypeptide(L)'
_entity_poly.pdbx_seq_one_letter_code
;ADILPANYVVKDRWKVLKKIGGGGFGEIYEAMDLLTRENVALKVESAQQPKQVLKMEVAVLKKLQGKDHVCRFIGCGRNE
KFNYVVMQLQGRNLADLRRSQPRGTFTLSTTLRLGKQILESIEAIHSVGFLHRDIKPSNFAMGRLPSTYRKCYMLDFGLA
RQYTNTTGDVRPPRNVAGFRGTVRYASVNAHKNREMGRHDDLWSLFYMLVEFAVGQLPWRKIKDKEQVGMIKEKYEHRML
LKHMPSEFHLFLDHIASLDYFTKPDYQLIMSVFENSMKERGIAENEAFDWEKA
;
_entity_poly.pdbx_strand_id   AAA,CCC
#
loop_
_chem_comp.id
_chem_comp.type
_chem_comp.name
_chem_comp.formula
CGI non-polymer ~{N}-[4-(4-chloranylphenoxy)phenyl]-7~{H}-pyrrolo[2,3-d]pyrimidin-4-amine 'C18 H13 Cl N4 O'
GOL non-polymer GLYCEROL 'C3 H8 O3'
SO4 non-polymer 'SULFATE ION' 'O4 S -2'
#
# COMPACT_ATOMS: atom_id res chain seq x y z
N ALA A 1 39.29 -25.13 -1.03
CA ALA A 1 39.80 -24.91 -2.41
C ALA A 1 38.82 -24.07 -3.21
N ASP A 2 39.31 -23.01 -3.84
CA ASP A 2 38.56 -22.26 -4.84
C ASP A 2 38.45 -23.11 -6.11
N ILE A 3 37.44 -22.82 -6.94
CA ILE A 3 37.24 -23.51 -8.20
C ILE A 3 38.42 -23.23 -9.13
N LEU A 4 38.91 -21.99 -9.16
CA LEU A 4 40.05 -21.65 -10.00
C LEU A 4 41.19 -21.10 -9.15
N PRO A 5 42.44 -21.55 -9.37
CA PRO A 5 43.60 -20.92 -8.72
C PRO A 5 43.93 -19.60 -9.41
N ALA A 6 44.71 -18.74 -8.73
CA ALA A 6 45.25 -17.54 -9.37
C ALA A 6 46.06 -17.97 -10.59
N ASN A 7 46.02 -17.14 -11.64
CA ASN A 7 46.78 -17.34 -12.87
C ASN A 7 46.30 -18.55 -13.66
N TYR A 8 45.09 -19.01 -13.41
CA TYR A 8 44.46 -19.92 -14.33
C TYR A 8 43.95 -19.10 -15.52
N VAL A 9 44.22 -19.58 -16.75
CA VAL A 9 43.77 -18.82 -17.90
C VAL A 9 42.67 -19.58 -18.64
N VAL A 10 41.41 -19.16 -18.43
CA VAL A 10 40.24 -19.74 -19.06
C VAL A 10 40.25 -19.49 -20.57
N LYS A 11 40.03 -20.57 -21.33
CA LYS A 11 39.97 -20.60 -22.79
C LYS A 11 41.10 -19.77 -23.41
N ASP A 12 42.26 -19.75 -22.74
CA ASP A 12 43.46 -19.10 -23.24
C ASP A 12 43.25 -17.59 -23.36
N ARG A 13 42.32 -17.01 -22.59
CA ARG A 13 41.97 -15.61 -22.83
C ARG A 13 41.81 -14.81 -21.53
N TRP A 14 41.18 -15.41 -20.52
CA TRP A 14 40.92 -14.69 -19.27
C TRP A 14 41.81 -15.25 -18.17
N LYS A 15 42.72 -14.41 -17.66
CA LYS A 15 43.66 -14.83 -16.65
C LYS A 15 43.10 -14.43 -15.30
N VAL A 16 42.96 -15.41 -14.41
CA VAL A 16 42.39 -15.19 -13.09
C VAL A 16 43.38 -14.38 -12.27
N LEU A 17 42.96 -13.19 -11.82
CA LEU A 17 43.77 -12.37 -10.95
C LEU A 17 43.52 -12.72 -9.48
N LYS A 18 42.25 -12.88 -9.10
CA LYS A 18 41.89 -13.17 -7.72
C LYS A 18 40.38 -13.37 -7.60
N LYS A 19 39.95 -14.05 -6.54
CA LYS A 19 38.54 -14.22 -6.25
C LYS A 19 38.01 -12.90 -5.68
N ILE A 20 36.74 -12.58 -5.94
CA ILE A 20 36.16 -11.40 -5.35
C ILE A 20 34.85 -11.72 -4.64
N GLY A 21 34.55 -13.01 -4.46
CA GLY A 21 33.33 -13.42 -3.78
C GLY A 21 32.73 -14.72 -4.35
N GLY A 22 31.39 -14.78 -4.47
CA GLY A 22 30.47 -13.69 -4.22
C GLY A 22 29.26 -13.73 -5.17
N GLY A 23 28.93 -14.93 -5.66
CA GLY A 23 27.70 -15.20 -6.38
C GLY A 23 26.57 -15.60 -5.43
N GLY A 24 25.60 -16.41 -5.89
CA GLY A 24 25.53 -16.98 -7.22
C GLY A 24 25.58 -18.51 -7.19
N PHE A 25 25.76 -19.07 -5.97
CA PHE A 25 26.06 -20.47 -5.73
C PHE A 25 27.33 -20.89 -6.47
N GLY A 26 28.05 -19.88 -6.97
CA GLY A 26 29.30 -20.03 -7.69
C GLY A 26 30.20 -18.80 -7.47
N GLU A 27 31.50 -19.01 -7.61
CA GLU A 27 32.53 -18.03 -7.26
C GLU A 27 32.71 -17.02 -8.39
N ILE A 28 33.12 -15.80 -8.03
CA ILE A 28 33.32 -14.69 -8.96
C ILE A 28 34.76 -14.18 -8.83
N TYR A 29 35.37 -13.86 -9.98
CA TYR A 29 36.79 -13.54 -10.06
C TYR A 29 37.01 -12.26 -10.87
N GLU A 30 37.98 -11.46 -10.41
CA GLU A 30 38.57 -10.43 -11.26
C GLU A 30 39.61 -11.10 -12.14
N ALA A 31 39.58 -10.80 -13.44
CA ALA A 31 40.44 -11.46 -14.40
C ALA A 31 40.93 -10.46 -15.44
N MET A 32 42.08 -10.77 -16.03
CA MET A 32 42.53 -9.98 -17.15
C MET A 32 42.12 -10.67 -18.45
N ASP A 33 41.46 -9.91 -19.31
CA ASP A 33 41.17 -10.33 -20.67
C ASP A 33 42.41 -10.07 -21.51
N LEU A 34 43.11 -11.14 -21.89
CA LEU A 34 44.43 -11.00 -22.50
C LEU A 34 44.29 -10.55 -23.95
N LEU A 35 43.07 -10.62 -24.49
CA LEU A 35 42.83 -10.19 -25.86
C LEU A 35 42.58 -8.69 -25.89
N THR A 36 41.70 -8.20 -25.01
CA THR A 36 41.26 -6.81 -25.01
C THR A 36 42.12 -5.96 -24.08
N ARG A 37 42.87 -6.61 -23.19
CA ARG A 37 43.80 -5.96 -22.27
C ARG A 37 43.03 -5.15 -21.22
N GLU A 38 41.84 -5.64 -20.86
CA GLU A 38 41.04 -5.01 -19.82
C GLU A 38 40.85 -6.01 -18.67
N ASN A 39 40.66 -5.49 -17.46
CA ASN A 39 40.15 -6.32 -16.38
C ASN A 39 38.67 -6.56 -16.60
N VAL A 40 38.20 -7.76 -16.24
CA VAL A 40 36.83 -8.19 -16.47
C VAL A 40 36.36 -9.00 -15.27
N ALA A 41 35.05 -9.23 -15.19
CA ALA A 41 34.49 -10.08 -14.15
C ALA A 41 34.31 -11.47 -14.72
N LEU A 42 34.74 -12.48 -13.96
CA LEU A 42 34.60 -13.85 -14.42
C LEU A 42 33.97 -14.69 -13.32
N LYS A 43 32.79 -15.24 -13.63
CA LYS A 43 32.00 -16.00 -12.69
C LYS A 43 31.91 -17.44 -13.20
N VAL A 44 32.31 -18.39 -12.33
CA VAL A 44 32.35 -19.80 -12.66
C VAL A 44 31.51 -20.54 -11.64
N GLU A 45 30.96 -21.68 -12.05
CA GLU A 45 30.39 -22.63 -11.10
C GLU A 45 30.80 -24.05 -11.47
N SER A 46 31.04 -24.87 -10.44
CA SER A 46 31.52 -26.23 -10.58
C SER A 46 30.49 -27.08 -11.33
N ALA A 47 30.99 -27.95 -12.22
CA ALA A 47 30.15 -28.72 -13.14
C ALA A 47 29.71 -30.03 -12.50
N GLN A 48 30.26 -30.35 -11.32
CA GLN A 48 29.72 -31.41 -10.49
C GLN A 48 29.15 -30.79 -9.21
N GLN A 49 27.96 -30.19 -9.34
CA GLN A 49 27.29 -29.48 -8.27
C GLN A 49 25.80 -29.42 -8.62
N PRO A 50 24.90 -30.03 -7.79
CA PRO A 50 23.48 -30.18 -8.13
C PRO A 50 22.82 -29.02 -8.87
N LYS A 51 22.85 -27.82 -8.28
CA LYS A 51 22.16 -26.67 -8.83
C LYS A 51 23.09 -25.91 -9.78
N GLN A 52 22.86 -26.12 -11.09
CA GLN A 52 23.65 -25.45 -12.12
C GLN A 52 22.82 -24.35 -12.78
N VAL A 53 22.97 -23.14 -12.22
CA VAL A 53 22.10 -22.01 -12.47
C VAL A 53 22.59 -21.23 -13.70
N LEU A 54 23.85 -21.44 -14.06
CA LEU A 54 24.58 -20.48 -14.88
C LEU A 54 24.09 -20.44 -16.33
N LYS A 55 23.39 -21.49 -16.76
CA LYS A 55 22.91 -21.55 -18.14
C LYS A 55 21.96 -20.38 -18.40
N MET A 56 20.94 -20.26 -17.54
CA MET A 56 19.89 -19.26 -17.70
C MET A 56 20.41 -17.88 -17.31
N GLU A 57 21.33 -17.87 -16.33
CA GLU A 57 21.98 -16.65 -15.90
C GLU A 57 22.57 -15.90 -17.09
N VAL A 58 23.17 -16.64 -18.03
CA VAL A 58 23.67 -16.11 -19.29
C VAL A 58 22.49 -15.54 -20.09
N ALA A 59 21.39 -16.32 -20.13
CA ALA A 59 20.23 -16.00 -20.93
C ALA A 59 19.59 -14.70 -20.44
N VAL A 60 19.52 -14.52 -19.13
CA VAL A 60 18.96 -13.29 -18.58
C VAL A 60 19.87 -12.15 -19.01
N LEU A 61 21.18 -12.33 -18.77
CA LEU A 61 22.16 -11.30 -19.04
C LEU A 61 22.14 -10.97 -20.52
N LYS A 62 21.86 -12.00 -21.35
CA LYS A 62 21.82 -11.81 -22.78
C LYS A 62 20.61 -10.95 -23.16
N LYS A 63 19.42 -11.30 -22.62
CA LYS A 63 18.17 -10.62 -22.97
C LYS A 63 18.19 -9.18 -22.48
N LEU A 64 19.12 -8.86 -21.58
CA LEU A 64 19.09 -7.58 -20.89
C LEU A 64 19.96 -6.55 -21.60
N GLN A 65 20.90 -7.04 -22.44
CA GLN A 65 21.90 -6.23 -23.13
C GLN A 65 21.21 -5.10 -23.87
N GLY A 66 21.74 -3.88 -23.72
CA GLY A 66 21.15 -2.71 -24.35
C GLY A 66 20.38 -1.86 -23.35
N LYS A 67 19.84 -2.52 -22.32
CA LYS A 67 19.25 -1.89 -21.14
C LYS A 67 20.35 -1.29 -20.28
N ASP A 68 20.02 -0.24 -19.50
CA ASP A 68 20.96 0.32 -18.53
C ASP A 68 21.02 -0.58 -17.29
N HIS A 69 22.07 -0.41 -16.48
CA HIS A 69 22.23 -1.08 -15.20
C HIS A 69 22.61 -2.54 -15.37
N VAL A 70 22.98 -2.94 -16.59
CA VAL A 70 23.50 -4.29 -16.80
C VAL A 70 24.94 -4.21 -17.29
N CYS A 71 25.71 -5.23 -16.90
CA CYS A 71 27.09 -5.38 -17.33
C CYS A 71 27.12 -5.90 -18.77
N ARG A 72 28.05 -5.40 -19.58
CA ARG A 72 28.16 -5.84 -20.97
C ARG A 72 28.67 -7.28 -21.02
N PHE A 73 27.92 -8.14 -21.71
CA PHE A 73 28.28 -9.54 -21.86
C PHE A 73 29.53 -9.66 -22.72
N ILE A 74 30.52 -10.40 -22.20
CA ILE A 74 31.79 -10.55 -22.86
C ILE A 74 31.93 -11.96 -23.42
N GLY A 75 31.65 -12.98 -22.60
CA GLY A 75 31.69 -14.34 -23.10
C GLY A 75 31.15 -15.35 -22.09
N CYS A 76 31.08 -16.61 -22.53
CA CYS A 76 30.65 -17.71 -21.68
C CYS A 76 31.13 -19.01 -22.30
N GLY A 77 31.17 -20.06 -21.49
CA GLY A 77 31.56 -21.37 -21.97
C GLY A 77 31.38 -22.43 -20.90
N ARG A 78 31.51 -23.67 -21.35
CA ARG A 78 31.27 -24.86 -20.53
C ARG A 78 32.29 -25.92 -20.90
N ASN A 79 32.79 -26.59 -19.87
CA ASN A 79 33.75 -27.68 -20.00
C ASN A 79 33.51 -28.64 -18.84
N GLU A 80 34.10 -29.83 -18.92
CA GLU A 80 33.71 -30.92 -18.04
C GLU A 80 34.05 -30.60 -16.59
N LYS A 81 34.78 -29.50 -16.35
CA LYS A 81 35.23 -29.16 -15.01
C LYS A 81 34.41 -28.01 -14.41
N PHE A 82 33.94 -27.08 -15.24
CA PHE A 82 33.18 -25.93 -14.78
C PHE A 82 32.50 -25.21 -15.95
N ASN A 83 31.54 -24.34 -15.61
CA ASN A 83 30.91 -23.41 -16.53
C ASN A 83 31.29 -22.00 -16.08
N TYR A 84 31.34 -21.06 -17.03
CA TYR A 84 31.82 -19.72 -16.75
C TYR A 84 31.05 -18.72 -17.62
N VAL A 85 31.01 -17.49 -17.12
CA VAL A 85 30.50 -16.31 -17.81
C VAL A 85 31.51 -15.20 -17.60
N VAL A 86 31.79 -14.45 -18.66
CA VAL A 86 32.68 -13.31 -18.55
C VAL A 86 31.82 -12.10 -18.84
N MET A 87 31.90 -11.07 -17.99
CA MET A 87 31.22 -9.82 -18.31
C MET A 87 31.96 -8.65 -17.65
N GLN A 88 31.51 -7.43 -18.01
CA GLN A 88 32.11 -6.18 -17.60
C GLN A 88 32.27 -6.11 -16.08
N LEU A 89 33.44 -5.64 -15.64
CA LEU A 89 33.75 -5.48 -14.23
C LEU A 89 33.32 -4.08 -13.80
N GLN A 90 32.97 -3.98 -12.51
CA GLN A 90 32.31 -2.81 -11.95
C GLN A 90 33.03 -2.37 -10.66
N GLY A 91 32.67 -1.17 -10.19
CA GLY A 91 33.29 -0.56 -9.03
C GLY A 91 32.82 -1.19 -7.73
N ARG A 92 32.76 -0.38 -6.66
CA ARG A 92 32.39 -0.89 -5.35
C ARG A 92 30.88 -1.11 -5.27
N ASN A 93 30.50 -2.20 -4.59
CA ASN A 93 29.11 -2.54 -4.34
C ASN A 93 28.53 -1.59 -3.29
N LEU A 94 27.20 -1.56 -3.17
CA LEU A 94 26.55 -0.59 -2.31
C LEU A 94 26.67 -0.97 -0.83
N ALA A 95 26.75 -2.28 -0.55
CA ALA A 95 26.89 -2.78 0.81
C ALA A 95 28.20 -2.27 1.44
N ASP A 96 29.32 -2.55 0.77
CA ASP A 96 30.61 -2.00 1.17
C ASP A 96 30.50 -0.49 1.24
N LEU A 97 29.93 0.11 0.19
CA LEU A 97 29.93 1.55 0.00
C LEU A 97 29.17 2.23 1.14
N ARG A 98 28.20 1.51 1.71
CA ARG A 98 27.38 2.07 2.78
C ARG A 98 28.19 2.11 4.07
N ARG A 99 28.90 1.01 4.37
CA ARG A 99 29.67 0.89 5.60
C ARG A 99 30.80 1.92 5.66
N SER A 100 31.18 2.47 4.50
CA SER A 100 32.20 3.51 4.40
C SER A 100 31.67 4.85 4.91
N GLN A 101 30.34 4.98 4.99
CA GLN A 101 29.74 6.22 5.47
C GLN A 101 29.80 6.23 7.00
N PRO A 102 30.04 7.42 7.62
CA PRO A 102 30.32 7.51 9.06
C PRO A 102 29.34 6.81 10.01
N ARG A 103 28.04 6.99 9.78
CA ARG A 103 27.03 6.45 10.68
C ARG A 103 26.23 5.33 9.99
N GLY A 104 26.83 4.71 8.97
CA GLY A 104 26.25 3.56 8.29
C GLY A 104 25.06 3.93 7.42
N THR A 105 24.81 5.24 7.28
CA THR A 105 23.69 5.73 6.50
C THR A 105 24.21 6.58 5.36
N PHE A 106 23.54 6.51 4.20
CA PHE A 106 23.67 7.56 3.20
C PHE A 106 22.64 8.64 3.53
N THR A 107 22.83 9.80 2.90
CA THR A 107 21.85 10.88 2.87
C THR A 107 20.63 10.40 2.07
N LEU A 108 19.54 11.18 2.13
CA LEU A 108 18.37 10.88 1.32
C LEU A 108 18.68 11.15 -0.15
N SER A 109 19.51 12.18 -0.40
CA SER A 109 19.90 12.58 -1.74
C SER A 109 20.53 11.41 -2.51
N THR A 110 21.37 10.61 -1.81
CA THR A 110 21.96 9.42 -2.40
C THR A 110 20.94 8.28 -2.43
N THR A 111 20.24 8.07 -1.31
CA THR A 111 19.26 7.01 -1.16
C THR A 111 18.21 7.07 -2.28
N LEU A 112 17.71 8.27 -2.55
CA LEU A 112 16.63 8.43 -3.51
C LEU A 112 17.13 8.17 -4.91
N ARG A 113 18.32 8.71 -5.25
CA ARG A 113 18.86 8.57 -6.59
C ARG A 113 19.17 7.10 -6.88
N LEU A 114 19.72 6.39 -5.88
CA LEU A 114 20.03 4.97 -6.03
C LEU A 114 18.73 4.19 -6.17
N GLY A 115 17.74 4.56 -5.34
CA GLY A 115 16.41 4.00 -5.41
C GLY A 115 15.90 4.04 -6.83
N LYS A 116 15.93 5.22 -7.44
CA LYS A 116 15.42 5.40 -8.79
C LYS A 116 16.17 4.48 -9.76
N GLN A 117 17.45 4.25 -9.51
CA GLN A 117 18.28 3.53 -10.47
C GLN A 117 18.11 2.02 -10.30
N ILE A 118 18.07 1.57 -9.04
CA ILE A 118 17.81 0.19 -8.71
C ILE A 118 16.40 -0.19 -9.19
N LEU A 119 15.46 0.75 -9.09
CA LEU A 119 14.09 0.47 -9.49
C LEU A 119 14.04 0.17 -10.98
N GLU A 120 14.78 0.96 -11.77
CA GLU A 120 14.83 0.76 -13.21
C GLU A 120 15.36 -0.63 -13.53
N SER A 121 16.36 -1.11 -12.77
CA SER A 121 16.94 -2.43 -12.98
C SER A 121 15.88 -3.49 -12.77
N ILE A 122 15.11 -3.35 -11.68
CA ILE A 122 14.06 -4.29 -11.34
C ILE A 122 13.02 -4.33 -12.47
N GLU A 123 12.56 -3.15 -12.89
CA GLU A 123 11.55 -3.06 -13.94
C GLU A 123 12.08 -3.71 -15.21
N ALA A 124 13.37 -3.46 -15.52
CA ALA A 124 13.99 -3.99 -16.72
C ALA A 124 14.01 -5.51 -16.70
N ILE A 125 14.40 -6.12 -15.56
CA ILE A 125 14.53 -7.56 -15.52
C ILE A 125 13.13 -8.19 -15.57
N HIS A 126 12.19 -7.59 -14.80
CA HIS A 126 10.80 -7.99 -14.88
C HIS A 126 10.33 -7.96 -16.33
N SER A 127 10.64 -6.86 -17.03
CA SER A 127 10.16 -6.61 -18.37
C SER A 127 10.64 -7.67 -19.35
N VAL A 128 11.56 -8.55 -18.96
CA VAL A 128 11.94 -9.62 -19.90
C VAL A 128 11.55 -10.97 -19.32
N GLY A 129 10.72 -10.94 -18.26
CA GLY A 129 10.05 -12.13 -17.77
C GLY A 129 10.84 -12.82 -16.67
N PHE A 130 11.65 -12.06 -15.93
CA PHE A 130 12.49 -12.70 -14.94
C PHE A 130 12.33 -12.01 -13.59
N LEU A 131 12.23 -12.82 -12.53
CA LEU A 131 12.36 -12.28 -11.19
C LEU A 131 13.82 -12.39 -10.78
N HIS A 132 14.28 -11.41 -10.02
CA HIS A 132 15.63 -11.46 -9.50
C HIS A 132 15.67 -12.39 -8.30
N ARG A 133 15.01 -11.99 -7.21
CA ARG A 133 14.73 -12.82 -6.05
C ARG A 133 15.84 -12.70 -5.01
N ASP A 134 16.90 -11.97 -5.37
CA ASP A 134 18.03 -11.79 -4.47
C ASP A 134 18.44 -10.31 -4.46
N ILE A 135 17.45 -9.40 -4.45
CA ILE A 135 17.76 -7.98 -4.45
C ILE A 135 18.35 -7.63 -3.09
N LYS A 136 19.61 -7.21 -3.08
CA LYS A 136 20.25 -6.76 -1.85
C LYS A 136 21.40 -5.82 -2.21
N PRO A 137 21.87 -4.95 -1.28
CA PRO A 137 22.84 -3.92 -1.63
C PRO A 137 24.08 -4.48 -2.31
N SER A 138 24.53 -5.66 -1.85
CA SER A 138 25.77 -6.28 -2.30
C SER A 138 25.63 -6.87 -3.70
N ASN A 139 24.48 -6.64 -4.35
CA ASN A 139 24.23 -7.13 -5.69
C ASN A 139 24.15 -5.94 -6.65
N PHE A 140 24.45 -4.75 -6.13
CA PHE A 140 24.48 -3.53 -6.91
C PHE A 140 25.85 -2.87 -6.75
N ALA A 141 26.39 -2.35 -7.86
CA ALA A 141 27.73 -1.78 -7.87
C ALA A 141 27.73 -0.47 -8.64
N MET A 142 28.62 0.46 -8.25
CA MET A 142 28.77 1.66 -9.06
C MET A 142 29.76 1.36 -10.18
N GLY A 143 29.80 2.22 -11.19
CA GLY A 143 30.74 2.03 -12.29
C GLY A 143 32.18 2.28 -11.86
N ARG A 144 33.13 1.77 -12.65
CA ARG A 144 34.53 2.03 -12.37
C ARG A 144 35.12 2.97 -13.41
N LEU A 145 34.39 3.24 -14.50
CA LEU A 145 34.95 4.06 -15.57
C LEU A 145 34.50 5.52 -15.46
N PRO A 146 35.25 6.47 -16.08
CA PRO A 146 34.78 7.85 -16.25
C PRO A 146 33.33 7.94 -16.67
N SER A 147 32.94 7.15 -17.65
CA SER A 147 31.63 7.31 -18.26
C SER A 147 30.53 6.61 -17.47
N THR A 148 30.91 5.88 -16.41
CA THR A 148 29.99 4.92 -15.80
C THR A 148 29.93 5.02 -14.27
N TYR A 149 30.74 5.88 -13.64
CA TYR A 149 30.86 5.85 -12.19
C TYR A 149 29.58 6.39 -11.54
N ARG A 150 28.78 7.14 -12.29
CA ARG A 150 27.50 7.63 -11.78
C ARG A 150 26.43 6.54 -11.88
N LYS A 151 26.56 5.64 -12.85
CA LYS A 151 25.57 4.60 -13.09
C LYS A 151 25.73 3.46 -12.09
N CYS A 152 24.57 2.94 -11.65
CA CYS A 152 24.49 1.83 -10.71
C CYS A 152 24.09 0.57 -11.49
N TYR A 153 24.61 -0.59 -11.09
CA TYR A 153 24.52 -1.77 -11.94
C TYR A 153 24.03 -2.96 -11.14
N MET A 154 23.20 -3.78 -11.79
CA MET A 154 22.76 -5.05 -11.26
C MET A 154 23.80 -6.11 -11.66
N LEU A 155 24.22 -6.93 -10.70
CA LEU A 155 25.46 -7.67 -10.84
C LEU A 155 25.22 -9.15 -11.13
N ASP A 156 24.43 -9.80 -10.25
CA ASP A 156 24.31 -11.25 -10.25
C ASP A 156 22.88 -11.62 -10.56
N PHE A 157 22.67 -12.67 -11.37
CA PHE A 157 21.33 -13.15 -11.64
C PHE A 157 21.23 -14.62 -11.29
N GLY A 158 22.08 -15.07 -10.37
CA GLY A 158 22.18 -16.48 -10.03
C GLY A 158 20.88 -17.08 -9.50
N LEU A 159 20.09 -16.28 -8.78
CA LEU A 159 18.90 -16.80 -8.15
C LEU A 159 17.66 -16.46 -8.97
N ALA A 160 17.88 -15.92 -10.18
CA ALA A 160 16.77 -15.49 -11.02
C ALA A 160 15.88 -16.68 -11.36
N ARG A 161 14.66 -16.35 -11.82
CA ARG A 161 13.67 -17.31 -12.26
C ARG A 161 12.71 -16.61 -13.22
N GLN A 162 12.32 -17.33 -14.28
CA GLN A 162 11.32 -16.82 -15.20
C GLN A 162 9.94 -16.98 -14.55
N TYR A 163 9.16 -15.89 -14.52
CA TYR A 163 7.83 -15.91 -13.95
C TYR A 163 6.77 -15.94 -15.04
N THR A 164 7.20 -15.75 -16.30
CA THR A 164 6.29 -15.80 -17.43
C THR A 164 6.29 -17.19 -18.05
N ASN A 165 5.39 -17.40 -19.02
CA ASN A 165 5.25 -18.68 -19.69
C ASN A 165 5.42 -18.47 -21.20
N THR A 166 5.07 -19.51 -21.96
CA THR A 166 5.13 -19.53 -23.42
C THR A 166 4.47 -18.27 -24.00
N THR A 167 3.25 -17.96 -23.54
CA THR A 167 2.51 -16.83 -24.08
C THR A 167 2.85 -15.57 -23.28
N GLY A 168 3.75 -15.70 -22.30
CA GLY A 168 4.34 -14.58 -21.58
C GLY A 168 3.40 -13.97 -20.56
N ASP A 169 2.79 -14.82 -19.70
CA ASP A 169 1.52 -14.47 -19.09
C ASP A 169 1.52 -14.51 -17.57
N VAL A 170 2.55 -15.11 -16.97
CA VAL A 170 2.60 -15.38 -15.53
C VAL A 170 2.25 -16.85 -15.37
N ARG A 171 3.30 -17.63 -15.12
CA ARG A 171 3.17 -19.06 -14.96
C ARG A 171 2.46 -19.33 -13.63
N PRO A 172 1.79 -20.48 -13.50
CA PRO A 172 1.24 -20.89 -12.21
C PRO A 172 2.35 -21.03 -11.18
N PRO A 173 2.16 -20.50 -9.95
CA PRO A 173 3.15 -20.65 -8.89
C PRO A 173 3.25 -22.11 -8.42
N ARG A 174 4.35 -22.44 -7.74
CA ARG A 174 4.64 -23.82 -7.37
C ARG A 174 4.13 -24.09 -5.97
N ASN A 175 4.06 -25.39 -5.61
CA ASN A 175 3.46 -25.85 -4.37
C ASN A 175 4.19 -25.21 -3.20
N VAL A 176 5.50 -25.47 -3.14
CA VAL A 176 6.42 -24.79 -2.24
C VAL A 176 7.65 -24.42 -3.07
N ALA A 177 8.17 -23.23 -2.83
CA ALA A 177 9.48 -22.87 -3.35
C ALA A 177 10.47 -22.82 -2.19
N GLY A 178 11.58 -23.55 -2.32
CA GLY A 178 12.69 -23.43 -1.38
C GLY A 178 13.33 -22.04 -1.47
N PHE A 179 13.49 -21.38 -0.31
CA PHE A 179 13.98 -20.01 -0.30
C PHE A 179 15.46 -20.00 0.08
N ARG A 180 16.31 -19.63 -0.87
CA ARG A 180 17.75 -19.82 -0.71
C ARG A 180 18.51 -18.52 -0.96
N GLY A 181 17.89 -17.38 -0.64
CA GLY A 181 18.45 -16.05 -0.84
C GLY A 181 18.87 -15.38 0.47
N THR A 182 19.10 -14.07 0.43
CA THR A 182 19.63 -13.37 1.60
C THR A 182 18.49 -12.97 2.53
N VAL A 183 18.61 -13.45 3.77
CA VAL A 183 17.54 -13.46 4.76
C VAL A 183 17.05 -12.06 5.09
N ARG A 184 17.97 -11.08 5.14
CA ARG A 184 17.66 -9.79 5.71
C ARG A 184 16.65 -9.01 4.88
N TYR A 185 16.69 -9.16 3.55
CA TYR A 185 15.91 -8.29 2.69
C TYR A 185 14.71 -9.02 2.11
N ALA A 186 14.64 -10.33 2.34
CA ALA A 186 13.58 -11.17 1.84
C ALA A 186 12.23 -10.65 2.32
N SER A 187 11.23 -10.72 1.42
CA SER A 187 9.87 -10.35 1.76
C SER A 187 9.29 -11.38 2.71
N VAL A 188 8.16 -11.01 3.32
CA VAL A 188 7.42 -11.89 4.21
C VAL A 188 7.07 -13.18 3.47
N ASN A 189 6.76 -13.05 2.18
CA ASN A 189 6.34 -14.15 1.34
C ASN A 189 7.46 -15.17 1.18
N ALA A 190 8.69 -14.66 0.98
CA ALA A 190 9.83 -15.52 0.77
C ALA A 190 10.11 -16.34 2.03
N HIS A 191 9.88 -15.72 3.20
CA HIS A 191 10.06 -16.38 4.48
C HIS A 191 9.10 -17.56 4.60
N LYS A 192 7.84 -17.35 4.19
CA LYS A 192 6.80 -18.35 4.32
C LYS A 192 6.98 -19.47 3.30
N ASN A 193 8.05 -19.43 2.51
CA ASN A 193 8.40 -20.47 1.55
C ASN A 193 7.38 -20.55 0.41
N ARG A 194 6.80 -19.39 0.08
CA ARG A 194 5.84 -19.25 -1.02
C ARG A 194 6.59 -18.86 -2.30
N GLU A 195 5.93 -18.99 -3.44
CA GLU A 195 6.54 -18.68 -4.72
C GLU A 195 6.62 -17.17 -4.84
N MET A 196 7.79 -16.67 -5.24
CA MET A 196 8.02 -15.23 -5.24
C MET A 196 7.43 -14.60 -6.49
N GLY A 197 7.16 -13.29 -6.42
CA GLY A 197 6.62 -12.54 -7.54
C GLY A 197 7.34 -11.21 -7.73
N ARG A 198 6.87 -10.44 -8.73
CA ARG A 198 7.44 -9.13 -9.02
C ARG A 198 7.40 -8.32 -7.74
N HIS A 199 6.31 -8.46 -6.99
CA HIS A 199 6.12 -7.60 -5.84
C HIS A 199 7.24 -7.84 -4.83
N ASP A 200 7.64 -9.10 -4.66
CA ASP A 200 8.64 -9.49 -3.66
C ASP A 200 9.99 -8.81 -3.88
N ASP A 201 10.32 -8.53 -5.15
CA ASP A 201 11.53 -7.80 -5.48
C ASP A 201 11.43 -6.37 -4.97
N LEU A 202 10.23 -5.80 -5.01
CA LEU A 202 10.07 -4.43 -4.58
C LEU A 202 10.12 -4.37 -3.05
N TRP A 203 9.70 -5.45 -2.39
CA TRP A 203 9.80 -5.54 -0.95
C TRP A 203 11.25 -5.37 -0.50
N SER A 204 12.13 -6.13 -1.13
CA SER A 204 13.56 -5.97 -0.91
C SER A 204 13.98 -4.54 -1.17
N LEU A 205 13.63 -3.99 -2.35
CA LEU A 205 14.01 -2.61 -2.64
C LEU A 205 13.58 -1.71 -1.49
N PHE A 206 12.39 -1.97 -0.95
CA PHE A 206 11.84 -1.17 0.14
C PHE A 206 12.78 -1.25 1.34
N TYR A 207 13.10 -2.49 1.78
CA TYR A 207 13.91 -2.70 2.97
C TYR A 207 15.31 -2.14 2.79
N MET A 208 15.87 -2.32 1.58
CA MET A 208 17.14 -1.74 1.20
C MET A 208 17.12 -0.23 1.43
N LEU A 209 16.09 0.45 0.92
CA LEU A 209 16.13 1.90 0.93
C LEU A 209 15.98 2.42 2.35
N VAL A 210 15.43 1.58 3.24
CA VAL A 210 15.26 1.98 4.63
C VAL A 210 16.62 1.90 5.33
N GLU A 211 17.35 0.82 5.05
CA GLU A 211 18.69 0.61 5.59
C GLU A 211 19.61 1.73 5.13
N PHE A 212 19.50 2.12 3.86
CA PHE A 212 20.29 3.20 3.28
C PHE A 212 20.02 4.52 4.00
N ALA A 213 18.76 4.79 4.35
CA ALA A 213 18.39 6.07 4.91
C ALA A 213 18.61 6.10 6.42
N VAL A 214 18.46 4.93 7.07
CA VAL A 214 18.41 4.82 8.53
C VAL A 214 19.69 4.18 9.05
N GLY A 215 20.30 3.27 8.27
CA GLY A 215 21.54 2.64 8.67
C GLY A 215 21.31 1.25 9.25
N GLN A 216 20.06 0.95 9.60
CA GLN A 216 19.72 -0.33 10.19
C GLN A 216 18.28 -0.68 9.82
N LEU A 217 17.99 -1.99 9.82
CA LEU A 217 16.62 -2.49 9.89
C LEU A 217 16.42 -3.11 11.28
N PRO A 218 15.17 -3.23 11.78
CA PRO A 218 14.95 -3.80 13.11
C PRO A 218 15.69 -5.10 13.35
N TRP A 219 15.56 -6.03 12.40
CA TRP A 219 15.95 -7.42 12.60
C TRP A 219 17.40 -7.67 12.19
N ARG A 220 18.24 -6.62 12.18
CA ARG A 220 19.56 -6.68 11.56
C ARG A 220 20.43 -7.73 12.24
N LYS A 221 20.25 -7.90 13.55
CA LYS A 221 21.10 -8.78 14.36
C LYS A 221 20.82 -10.24 14.02
N ILE A 222 19.54 -10.63 14.09
CA ILE A 222 19.13 -12.02 14.08
C ILE A 222 19.61 -12.70 12.79
N LYS A 223 20.41 -13.75 12.96
CA LYS A 223 20.97 -14.49 11.84
C LYS A 223 20.00 -15.60 11.45
N ASP A 224 19.26 -16.10 12.45
CA ASP A 224 18.34 -17.22 12.30
C ASP A 224 17.18 -16.84 11.36
N LYS A 225 17.03 -17.62 10.28
CA LYS A 225 16.07 -17.33 9.23
C LYS A 225 14.68 -17.10 9.83
N GLU A 226 14.17 -18.11 10.54
CA GLU A 226 12.76 -18.17 10.91
C GLU A 226 12.40 -17.07 11.89
N GLN A 227 13.36 -16.64 12.71
CA GLN A 227 13.14 -15.60 13.69
C GLN A 227 12.87 -14.28 12.97
N VAL A 228 13.71 -13.99 11.97
CA VAL A 228 13.56 -12.83 11.13
C VAL A 228 12.16 -12.85 10.52
N GLY A 229 11.75 -14.03 10.04
CA GLY A 229 10.43 -14.26 9.47
C GLY A 229 9.32 -13.82 10.42
N MET A 230 9.39 -14.31 11.66
CA MET A 230 8.45 -13.93 12.70
C MET A 230 8.47 -12.42 12.88
N ILE A 231 9.68 -11.85 13.06
CA ILE A 231 9.82 -10.43 13.40
C ILE A 231 9.28 -9.55 12.30
N LYS A 232 9.46 -9.97 11.03
CA LYS A 232 9.01 -9.18 9.90
C LYS A 232 7.48 -9.13 9.89
N GLU A 233 6.87 -10.30 10.10
CA GLU A 233 5.44 -10.47 9.88
C GLU A 233 4.66 -9.71 10.94
N LYS A 234 5.09 -9.82 12.21
CA LYS A 234 4.41 -9.22 13.35
C LYS A 234 4.72 -7.72 13.43
N TYR A 235 5.67 -7.25 12.61
CA TYR A 235 6.19 -5.90 12.72
C TYR A 235 5.28 -4.91 12.00
N GLU A 236 5.07 -3.74 12.62
CA GLU A 236 4.26 -2.68 12.05
C GLU A 236 5.15 -1.84 11.14
N HIS A 237 5.04 -2.08 9.83
CA HIS A 237 5.96 -1.53 8.84
C HIS A 237 5.82 -0.01 8.75
N ARG A 238 4.65 0.51 9.12
CA ARG A 238 4.37 1.92 9.01
C ARG A 238 5.33 2.72 9.90
N MET A 239 6.10 1.99 10.73
CA MET A 239 7.06 2.59 11.65
C MET A 239 8.42 2.72 10.98
N LEU A 240 8.71 1.81 10.04
CA LEU A 240 9.92 1.88 9.24
C LEU A 240 9.90 3.17 8.43
N LEU A 241 8.69 3.68 8.17
CA LEU A 241 8.47 4.85 7.34
C LEU A 241 8.90 6.12 8.08
N LYS A 242 9.24 5.99 9.36
CA LYS A 242 9.22 7.14 10.26
C LYS A 242 10.33 8.14 9.92
N HIS A 243 11.39 7.69 9.24
CA HIS A 243 12.47 8.60 8.91
C HIS A 243 12.58 8.85 7.42
N MET A 244 11.87 8.05 6.61
CA MET A 244 11.85 8.20 5.17
C MET A 244 11.07 9.45 4.78
N PRO A 245 11.16 9.92 3.51
CA PRO A 245 10.26 10.97 3.03
C PRO A 245 8.82 10.50 3.15
N SER A 246 7.90 11.41 3.43
CA SER A 246 6.57 11.02 3.83
C SER A 246 5.85 10.31 2.69
N GLU A 247 6.31 10.56 1.45
CA GLU A 247 5.65 10.05 0.26
C GLU A 247 5.89 8.54 0.12
N PHE A 248 6.72 7.98 1.02
CA PHE A 248 7.00 6.56 1.05
C PHE A 248 5.76 5.78 1.47
N HIS A 249 4.83 6.47 2.15
CA HIS A 249 3.60 5.84 2.59
C HIS A 249 2.88 5.18 1.41
N LEU A 250 3.07 5.74 0.20
CA LEU A 250 2.40 5.25 -1.00
C LEU A 250 3.11 3.99 -1.51
N PHE A 251 4.43 3.97 -1.32
CA PHE A 251 5.28 2.87 -1.77
C PHE A 251 4.95 1.65 -0.93
N LEU A 252 4.94 1.82 0.40
CA LEU A 252 4.64 0.70 1.28
C LEU A 252 3.24 0.18 1.00
N ASP A 253 2.29 1.11 0.84
CA ASP A 253 0.88 0.79 0.68
C ASP A 253 0.64 0.03 -0.62
N HIS A 254 1.40 0.38 -1.68
CA HIS A 254 1.19 -0.22 -2.97
C HIS A 254 1.74 -1.64 -2.98
N ILE A 255 2.87 -1.85 -2.31
CA ILE A 255 3.47 -3.17 -2.41
C ILE A 255 2.79 -4.10 -1.42
N ALA A 256 2.27 -3.53 -0.31
CA ALA A 256 1.54 -4.30 0.68
C ALA A 256 0.30 -4.94 0.06
N SER A 257 -0.18 -4.33 -1.03
CA SER A 257 -1.46 -4.71 -1.61
C SER A 257 -1.30 -5.63 -2.83
N LEU A 258 -0.07 -5.73 -3.37
CA LEU A 258 0.23 -6.61 -4.49
C LEU A 258 0.28 -8.07 -4.03
N ASP A 259 0.09 -9.00 -4.96
CA ASP A 259 0.34 -10.41 -4.73
C ASP A 259 1.09 -10.99 -5.93
N TYR A 260 1.23 -12.31 -5.97
CA TYR A 260 2.01 -12.99 -7.00
C TYR A 260 1.53 -12.62 -8.41
N PHE A 261 0.22 -12.47 -8.59
CA PHE A 261 -0.38 -12.49 -9.91
C PHE A 261 -0.58 -11.08 -10.46
N THR A 262 -0.49 -10.07 -9.61
CA THR A 262 -0.81 -8.72 -10.07
C THR A 262 0.48 -7.96 -10.39
N LYS A 263 0.45 -7.21 -11.49
CA LYS A 263 1.58 -6.43 -11.96
C LYS A 263 1.74 -5.18 -11.10
N PRO A 264 2.98 -4.85 -10.64
CA PRO A 264 3.22 -3.59 -9.92
C PRO A 264 3.06 -2.36 -10.79
N ASP A 265 2.67 -1.24 -10.15
CA ASP A 265 2.64 0.08 -10.76
C ASP A 265 3.96 0.76 -10.46
N TYR A 266 4.96 0.44 -11.30
CA TYR A 266 6.33 0.89 -11.12
C TYR A 266 6.38 2.42 -11.16
N GLN A 267 5.60 2.99 -12.09
CA GLN A 267 5.46 4.43 -12.22
C GLN A 267 5.14 5.04 -10.87
N LEU A 268 4.16 4.45 -10.17
CA LEU A 268 3.76 4.93 -8.86
C LEU A 268 4.96 4.97 -7.91
N ILE A 269 5.81 3.94 -7.94
CA ILE A 269 6.97 3.92 -7.05
C ILE A 269 7.97 4.96 -7.53
N MET A 270 8.14 5.02 -8.85
CA MET A 270 9.06 5.97 -9.47
C MET A 270 8.70 7.40 -9.05
N SER A 271 7.41 7.69 -9.02
CA SER A 271 6.93 9.03 -8.70
C SER A 271 7.21 9.38 -7.25
N VAL A 272 7.20 8.35 -6.37
CA VAL A 272 7.54 8.57 -4.97
C VAL A 272 8.95 9.13 -4.87
N PHE A 273 9.89 8.49 -5.58
CA PHE A 273 11.28 8.91 -5.58
C PHE A 273 11.39 10.32 -6.16
N GLU A 274 10.83 10.52 -7.37
CA GLU A 274 10.99 11.76 -8.12
C GLU A 274 10.38 12.95 -7.39
N ASN A 275 9.20 12.76 -6.79
CA ASN A 275 8.56 13.83 -6.04
C ASN A 275 9.39 14.12 -4.79
N SER A 276 9.90 13.05 -4.16
CA SER A 276 10.63 13.17 -2.91
C SER A 276 11.93 13.96 -3.11
N MET A 277 12.47 13.88 -4.32
CA MET A 277 13.68 14.62 -4.64
C MET A 277 13.32 16.06 -4.99
N LYS A 278 12.22 16.23 -5.74
CA LYS A 278 11.74 17.55 -6.14
C LYS A 278 11.50 18.39 -4.89
N GLU A 279 10.77 17.83 -3.92
CA GLU A 279 10.41 18.55 -2.70
C GLU A 279 11.63 18.82 -1.85
N ARG A 280 12.65 17.94 -1.93
CA ARG A 280 13.87 18.13 -1.17
C ARG A 280 14.91 18.89 -2.00
N GLY A 281 14.46 19.40 -3.17
CA GLY A 281 15.31 20.07 -4.14
C GLY A 281 16.60 19.30 -4.40
N ILE A 282 16.51 18.23 -5.18
CA ILE A 282 17.61 17.30 -5.41
C ILE A 282 17.74 17.06 -6.91
N ALA A 283 18.91 17.42 -7.47
CA ALA A 283 19.17 17.35 -8.89
C ALA A 283 19.75 15.99 -9.27
N GLU A 284 19.64 15.65 -10.56
CA GLU A 284 20.02 14.34 -11.11
C GLU A 284 21.52 14.14 -11.07
N ASN A 285 22.27 15.23 -11.34
CA ASN A 285 23.71 15.17 -11.59
C ASN A 285 24.49 15.62 -10.35
N GLU A 286 23.81 15.69 -9.19
CA GLU A 286 24.48 15.91 -7.92
C GLU A 286 25.51 14.81 -7.69
N ALA A 287 26.46 15.07 -6.78
CA ALA A 287 27.47 14.09 -6.42
C ALA A 287 26.85 13.07 -5.48
N PHE A 288 27.22 11.80 -5.65
CA PHE A 288 26.86 10.78 -4.69
C PHE A 288 27.65 11.00 -3.40
N ASP A 289 27.30 10.26 -2.34
CA ASP A 289 27.84 10.54 -1.02
C ASP A 289 29.32 10.22 -0.93
N TRP A 290 29.80 9.32 -1.81
CA TRP A 290 31.14 8.77 -1.68
C TRP A 290 32.16 9.62 -2.44
N GLU A 291 31.66 10.54 -3.28
CA GLU A 291 32.48 11.54 -3.94
C GLU A 291 32.61 12.77 -3.05
N LYS A 292 31.89 12.78 -1.92
CA LYS A 292 31.91 13.90 -0.99
C LYS A 292 33.29 13.99 -0.36
N ALA A 293 33.84 15.21 -0.30
CA ALA A 293 35.22 15.44 0.10
C ALA A 293 35.43 15.13 1.59
N ALA B 1 -0.22 15.15 22.17
CA ALA B 1 -0.31 16.64 22.25
C ALA B 1 -1.18 17.16 21.10
N ASP B 2 -2.35 17.71 21.45
CA ASP B 2 -3.37 18.14 20.51
C ASP B 2 -2.79 19.14 19.51
N ILE B 3 -3.34 19.13 18.29
CA ILE B 3 -2.87 20.00 17.22
C ILE B 3 -3.30 21.43 17.49
N LEU B 4 -4.46 21.60 18.13
CA LEU B 4 -4.94 22.92 18.50
C LEU B 4 -5.21 22.98 20.00
N PRO B 5 -4.68 24.01 20.71
CA PRO B 5 -4.91 24.17 22.15
C PRO B 5 -6.27 24.81 22.41
N ALA B 6 -6.85 24.46 23.56
CA ALA B 6 -8.15 25.00 23.97
C ALA B 6 -8.11 26.52 23.94
N ASN B 7 -8.92 27.11 23.06
CA ASN B 7 -9.18 28.55 22.97
C ASN B 7 -8.52 29.17 21.75
N TYR B 8 -7.74 28.37 21.01
CA TYR B 8 -7.10 28.82 19.78
C TYR B 8 -8.16 29.35 18.81
N VAL B 9 -7.82 30.40 18.06
CA VAL B 9 -8.74 30.99 17.10
C VAL B 9 -8.20 30.78 15.68
N VAL B 10 -8.99 30.14 14.83
CA VAL B 10 -8.58 29.78 13.49
C VAL B 10 -9.03 30.89 12.53
N LYS B 11 -8.07 31.39 11.73
CA LYS B 11 -8.22 32.50 10.80
C LYS B 11 -9.18 33.56 11.37
N ASP B 12 -9.01 33.84 12.66
CA ASP B 12 -9.70 34.92 13.37
C ASP B 12 -11.21 34.83 13.11
N ARG B 13 -11.80 33.66 13.39
CA ARG B 13 -13.22 33.44 13.17
C ARG B 13 -13.72 32.21 13.92
N TRP B 14 -12.82 31.24 14.18
CA TRP B 14 -13.25 29.99 14.78
C TRP B 14 -12.48 29.71 16.06
N LYS B 15 -13.13 29.96 17.20
CA LYS B 15 -12.51 29.71 18.49
C LYS B 15 -12.72 28.24 18.83
N VAL B 16 -11.61 27.53 19.06
CA VAL B 16 -11.68 26.16 19.54
C VAL B 16 -12.30 26.18 20.93
N LEU B 17 -13.24 25.27 21.17
CA LEU B 17 -13.82 25.10 22.49
C LEU B 17 -13.24 23.85 23.13
N LYS B 18 -13.50 22.68 22.53
CA LYS B 18 -12.94 21.43 23.02
C LYS B 18 -12.75 20.48 21.85
N LYS B 19 -11.96 19.43 22.08
CA LYS B 19 -11.77 18.33 21.15
C LYS B 19 -12.91 17.34 21.35
N ILE B 20 -13.50 16.88 20.23
CA ILE B 20 -14.69 16.03 20.30
C ILE B 20 -14.43 14.66 19.68
N GLY B 21 -13.21 14.44 19.16
CA GLY B 21 -12.83 13.12 18.70
C GLY B 21 -11.67 13.16 17.72
N GLY B 22 -11.51 12.06 16.96
CA GLY B 22 -10.49 11.95 15.94
C GLY B 22 -9.30 11.13 16.42
N GLY B 23 -9.09 9.96 15.78
CA GLY B 23 -7.92 9.14 16.02
C GLY B 23 -6.89 9.32 14.90
N GLY B 24 -7.24 8.83 13.71
CA GLY B 24 -6.34 8.82 12.56
C GLY B 24 -6.75 9.81 11.48
N PHE B 25 -5.74 10.37 10.80
CA PHE B 25 -5.89 11.24 9.65
C PHE B 25 -6.17 12.69 10.06
N GLY B 26 -6.23 12.93 11.38
CA GLY B 26 -6.41 14.28 11.89
C GLY B 26 -7.29 14.33 13.15
N GLU B 27 -7.67 15.55 13.53
CA GLU B 27 -8.41 15.80 14.75
C GLU B 27 -9.64 16.66 14.45
N ILE B 28 -10.69 16.48 15.27
CA ILE B 28 -11.97 17.18 15.10
C ILE B 28 -12.35 17.86 16.42
N TYR B 29 -12.61 19.17 16.35
CA TYR B 29 -12.93 19.98 17.52
C TYR B 29 -14.30 20.63 17.35
N GLU B 30 -14.96 20.91 18.49
CA GLU B 30 -16.10 21.81 18.53
C GLU B 30 -15.58 23.24 18.66
N ALA B 31 -16.18 24.15 17.87
CA ALA B 31 -15.70 25.51 17.76
C ALA B 31 -16.87 26.49 17.75
N MET B 32 -16.62 27.70 18.26
CA MET B 32 -17.58 28.79 18.17
C MET B 32 -17.19 29.68 17.00
N ASP B 33 -18.11 29.80 16.03
CA ASP B 33 -17.97 30.79 14.97
C ASP B 33 -18.28 32.16 15.57
N LEU B 34 -17.28 33.05 15.54
CA LEU B 34 -17.41 34.38 16.11
C LEU B 34 -18.23 35.26 15.17
N LEU B 35 -18.22 34.91 13.88
CA LEU B 35 -18.87 35.70 12.83
C LEU B 35 -20.37 35.44 12.81
N THR B 36 -20.83 34.30 13.34
CA THR B 36 -22.24 33.94 13.32
C THR B 36 -22.70 33.37 14.66
N ARG B 37 -21.80 33.35 15.64
CA ARG B 37 -22.12 32.92 17.00
C ARG B 37 -22.71 31.51 17.01
N GLU B 38 -22.40 30.74 15.95
CA GLU B 38 -22.91 29.39 15.77
C GLU B 38 -21.83 28.39 16.18
N ASN B 39 -22.24 27.33 16.88
CA ASN B 39 -21.36 26.21 17.21
C ASN B 39 -21.12 25.38 15.96
N VAL B 40 -19.83 25.21 15.60
CA VAL B 40 -19.46 24.53 14.38
C VAL B 40 -18.50 23.39 14.70
N ALA B 41 -18.24 22.54 13.70
CA ALA B 41 -17.25 21.48 13.81
C ALA B 41 -16.03 21.86 12.98
N LEU B 42 -14.85 21.62 13.56
CA LEU B 42 -13.58 22.03 12.95
C LEU B 42 -12.68 20.81 12.83
N LYS B 43 -12.43 20.41 11.57
CA LYS B 43 -11.53 19.31 11.26
C LYS B 43 -10.15 19.90 10.92
N VAL B 44 -9.13 19.41 11.63
CA VAL B 44 -7.77 19.86 11.38
C VAL B 44 -6.86 18.64 11.23
N GLU B 45 -5.85 18.80 10.35
CA GLU B 45 -4.76 17.85 10.21
C GLU B 45 -3.45 18.60 10.13
N SER B 46 -2.43 18.07 10.83
CA SER B 46 -1.06 18.54 10.74
C SER B 46 -0.63 18.59 9.28
N ALA B 47 0.03 19.69 8.88
CA ALA B 47 0.53 19.84 7.52
C ALA B 47 1.81 19.01 7.35
N GLN B 48 2.24 18.36 8.44
CA GLN B 48 3.43 17.53 8.47
C GLN B 48 3.03 16.05 8.55
N GLN B 49 1.77 15.77 8.24
CA GLN B 49 1.23 14.42 8.24
C GLN B 49 1.51 13.79 6.88
N PRO B 50 1.79 12.47 6.80
CA PRO B 50 2.09 11.81 5.53
C PRO B 50 0.90 11.84 4.56
N LYS B 51 -0.26 11.38 5.03
CA LYS B 51 -1.47 11.33 4.23
C LYS B 51 -2.38 12.50 4.60
N GLN B 52 -2.68 13.34 3.58
CA GLN B 52 -3.55 14.50 3.71
C GLN B 52 -4.89 14.20 3.05
N VAL B 53 -5.96 14.17 3.86
CA VAL B 53 -7.27 13.75 3.39
C VAL B 53 -8.23 14.93 3.27
N LEU B 54 -7.86 16.08 3.89
CA LEU B 54 -8.76 17.22 3.99
C LEU B 54 -8.97 17.92 2.65
N LYS B 55 -8.02 17.76 1.73
CA LYS B 55 -8.16 18.27 0.37
C LYS B 55 -9.41 17.65 -0.26
N MET B 56 -9.54 16.33 -0.07
CA MET B 56 -10.61 15.51 -0.61
C MET B 56 -11.93 15.83 0.11
N GLU B 57 -11.87 15.89 1.44
CA GLU B 57 -12.99 16.18 2.31
C GLU B 57 -13.71 17.45 1.81
N VAL B 58 -12.95 18.52 1.57
CA VAL B 58 -13.51 19.78 1.10
C VAL B 58 -14.15 19.57 -0.27
N ALA B 59 -13.45 18.86 -1.15
CA ALA B 59 -13.86 18.69 -2.53
C ALA B 59 -15.26 18.08 -2.59
N VAL B 60 -15.46 17.02 -1.80
CA VAL B 60 -16.69 16.22 -1.81
C VAL B 60 -17.80 17.02 -1.14
N LEU B 61 -17.46 17.69 -0.03
CA LEU B 61 -18.41 18.42 0.79
C LEU B 61 -19.05 19.53 -0.04
N LYS B 62 -18.22 20.26 -0.80
CA LYS B 62 -18.70 21.31 -1.66
C LYS B 62 -19.68 20.73 -2.69
N LYS B 63 -19.30 19.61 -3.28
CA LYS B 63 -20.05 19.00 -4.37
C LYS B 63 -21.40 18.50 -3.87
N LEU B 64 -21.51 18.28 -2.56
CA LEU B 64 -22.67 17.64 -1.95
C LEU B 64 -23.65 18.67 -1.39
N GLN B 65 -23.24 19.94 -1.36
CA GLN B 65 -24.05 21.02 -0.84
C GLN B 65 -25.34 21.11 -1.66
N GLY B 66 -26.48 21.19 -0.96
CA GLY B 66 -27.78 21.15 -1.58
C GLY B 66 -28.48 19.82 -1.34
N LYS B 67 -27.68 18.75 -1.27
CA LYS B 67 -28.18 17.43 -0.96
C LYS B 67 -28.51 17.34 0.53
N ASP B 68 -29.44 16.44 0.84
CA ASP B 68 -29.83 16.11 2.20
C ASP B 68 -28.72 15.27 2.84
N HIS B 69 -28.74 15.21 4.18
CA HIS B 69 -27.90 14.33 4.97
C HIS B 69 -26.44 14.78 4.99
N VAL B 70 -26.14 15.98 4.48
CA VAL B 70 -24.77 16.46 4.52
C VAL B 70 -24.69 17.74 5.34
N CYS B 71 -23.59 17.88 6.10
CA CYS B 71 -23.30 19.07 6.89
C CYS B 71 -23.00 20.25 5.98
N ARG B 72 -23.47 21.44 6.38
CA ARG B 72 -23.29 22.64 5.60
C ARG B 72 -21.84 23.10 5.69
N PHE B 73 -21.24 23.37 4.52
CA PHE B 73 -19.85 23.79 4.42
C PHE B 73 -19.70 25.23 4.87
N ILE B 74 -18.69 25.50 5.70
CA ILE B 74 -18.54 26.81 6.32
C ILE B 74 -17.24 27.46 5.88
N GLY B 75 -16.19 26.66 5.68
CA GLY B 75 -14.91 27.19 5.21
C GLY B 75 -13.74 26.24 5.45
N CYS B 76 -12.60 26.58 4.86
CA CYS B 76 -11.40 25.77 4.90
C CYS B 76 -10.19 26.65 4.57
N GLY B 77 -8.99 26.15 4.91
CA GLY B 77 -7.76 26.85 4.57
C GLY B 77 -6.54 25.99 4.87
N ARG B 78 -5.36 26.52 4.54
CA ARG B 78 -4.08 25.86 4.75
C ARG B 78 -3.05 26.87 5.23
N ASN B 79 -2.27 26.47 6.24
CA ASN B 79 -1.15 27.27 6.73
C ASN B 79 0.05 26.36 6.92
N GLU B 80 1.14 26.92 7.46
CA GLU B 80 2.40 26.23 7.64
C GLU B 80 2.22 25.05 8.60
N LYS B 81 1.34 25.22 9.59
CA LYS B 81 1.26 24.29 10.71
C LYS B 81 0.20 23.23 10.45
N PHE B 82 -0.97 23.63 9.93
CA PHE B 82 -2.10 22.73 9.80
C PHE B 82 -3.03 23.13 8.65
N ASN B 83 -3.85 22.16 8.22
CA ASN B 83 -4.98 22.36 7.31
C ASN B 83 -6.26 22.17 8.11
N TYR B 84 -7.35 22.83 7.69
CA TYR B 84 -8.59 22.78 8.45
C TYR B 84 -9.79 22.82 7.52
N VAL B 85 -10.89 22.22 7.99
CA VAL B 85 -12.20 22.33 7.37
C VAL B 85 -13.21 22.61 8.47
N VAL B 86 -14.10 23.57 8.21
CA VAL B 86 -15.13 23.98 9.15
C VAL B 86 -16.49 23.61 8.56
N MET B 87 -17.33 22.92 9.34
CA MET B 87 -18.68 22.66 8.88
C MET B 87 -19.62 22.46 10.07
N GLN B 88 -20.91 22.29 9.72
CA GLN B 88 -22.01 22.17 10.66
C GLN B 88 -21.70 21.10 11.69
N LEU B 89 -21.93 21.44 12.97
CA LEU B 89 -21.81 20.48 14.07
C LEU B 89 -23.13 19.73 14.22
N GLN B 90 -23.04 18.44 14.60
CA GLN B 90 -24.19 17.56 14.77
C GLN B 90 -24.13 16.91 16.15
N GLY B 91 -25.13 16.08 16.44
CA GLY B 91 -25.28 15.41 17.72
C GLY B 91 -24.43 14.14 17.79
N ARG B 92 -24.88 13.16 18.56
CA ARG B 92 -24.10 11.95 18.76
C ARG B 92 -24.13 11.10 17.50
N ASN B 93 -23.12 10.23 17.35
CA ASN B 93 -23.01 9.35 16.20
C ASN B 93 -23.61 7.99 16.54
N LEU B 94 -23.85 7.18 15.49
CA LEU B 94 -24.58 5.92 15.63
C LEU B 94 -23.75 4.90 16.41
N ALA B 95 -22.42 5.04 16.38
CA ALA B 95 -21.55 4.13 17.11
C ALA B 95 -21.71 4.36 18.62
N ASP B 96 -21.78 5.63 19.03
CA ASP B 96 -22.07 6.00 20.41
C ASP B 96 -23.43 5.45 20.80
N LEU B 97 -24.45 5.84 20.01
CA LEU B 97 -25.84 5.52 20.28
C LEU B 97 -26.02 4.02 20.41
N ARG B 98 -25.41 3.25 19.50
CA ARG B 98 -25.52 1.79 19.52
C ARG B 98 -24.94 1.23 20.81
N ARG B 99 -23.79 1.77 21.24
CA ARG B 99 -23.10 1.27 22.43
C ARG B 99 -23.89 1.63 23.69
N SER B 100 -24.62 2.73 23.62
CA SER B 100 -25.40 3.24 24.73
C SER B 100 -26.65 2.38 24.96
N GLN B 101 -27.14 1.72 23.90
CA GLN B 101 -28.35 0.93 23.96
C GLN B 101 -28.20 -0.24 24.92
N PRO B 102 -29.28 -0.62 25.65
CA PRO B 102 -29.23 -1.68 26.66
C PRO B 102 -28.55 -2.95 26.17
N ARG B 103 -29.07 -3.53 25.08
CA ARG B 103 -28.62 -4.82 24.60
C ARG B 103 -27.42 -4.66 23.67
N GLY B 104 -27.04 -3.40 23.39
CA GLY B 104 -26.04 -3.10 22.38
C GLY B 104 -26.63 -3.19 20.97
N THR B 105 -27.96 -3.30 20.91
CA THR B 105 -28.71 -3.42 19.67
C THR B 105 -29.67 -2.25 19.53
N PHE B 106 -30.06 -1.95 18.29
CA PHE B 106 -31.21 -1.10 18.03
C PHE B 106 -32.43 -1.97 17.75
N THR B 107 -33.62 -1.37 17.88
CA THR B 107 -34.85 -2.03 17.47
C THR B 107 -34.91 -2.03 15.95
N LEU B 108 -35.66 -2.96 15.37
CA LEU B 108 -35.83 -3.02 13.94
C LEU B 108 -36.46 -1.73 13.43
N SER B 109 -37.19 -1.04 14.32
CA SER B 109 -37.84 0.21 13.98
C SER B 109 -36.80 1.28 13.70
N THR B 110 -35.76 1.34 14.56
CA THR B 110 -34.71 2.33 14.45
C THR B 110 -33.76 1.95 13.32
N THR B 111 -33.44 0.65 13.24
CA THR B 111 -32.53 0.10 12.25
C THR B 111 -33.01 0.44 10.84
N LEU B 112 -34.27 0.13 10.54
CA LEU B 112 -34.83 0.29 9.21
C LEU B 112 -34.88 1.77 8.85
N ARG B 113 -35.11 2.63 9.85
CA ARG B 113 -35.24 4.04 9.57
C ARG B 113 -33.87 4.66 9.35
N LEU B 114 -32.87 4.17 10.08
CA LEU B 114 -31.50 4.60 9.86
C LEU B 114 -31.07 4.15 8.46
N GLY B 115 -31.39 2.89 8.15
CA GLY B 115 -31.08 2.28 6.87
C GLY B 115 -31.55 3.11 5.69
N LYS B 116 -32.82 3.55 5.76
CA LYS B 116 -33.40 4.41 4.73
C LYS B 116 -32.54 5.64 4.53
N GLN B 117 -32.11 6.24 5.65
CA GLN B 117 -31.45 7.54 5.63
C GLN B 117 -30.01 7.38 5.12
N ILE B 118 -29.31 6.37 5.65
CA ILE B 118 -27.93 6.11 5.24
C ILE B 118 -27.86 5.82 3.75
N LEU B 119 -28.83 5.04 3.23
CA LEU B 119 -28.89 4.67 1.83
C LEU B 119 -29.10 5.89 0.95
N GLU B 120 -29.96 6.81 1.43
CA GLU B 120 -30.17 8.09 0.76
C GLU B 120 -28.84 8.84 0.68
N SER B 121 -28.04 8.77 1.75
CA SER B 121 -26.72 9.38 1.78
C SER B 121 -25.83 8.76 0.71
N ILE B 122 -25.86 7.42 0.63
CA ILE B 122 -24.93 6.66 -0.18
C ILE B 122 -25.21 6.96 -1.66
N GLU B 123 -26.49 7.02 -2.02
CA GLU B 123 -26.87 7.37 -3.37
C GLU B 123 -26.40 8.80 -3.66
N ALA B 124 -26.61 9.71 -2.69
CA ALA B 124 -26.28 11.11 -2.85
C ALA B 124 -24.82 11.28 -3.27
N ILE B 125 -23.90 10.63 -2.54
CA ILE B 125 -22.48 10.79 -2.80
C ILE B 125 -22.13 10.14 -4.14
N HIS B 126 -22.70 8.96 -4.41
CA HIS B 126 -22.47 8.28 -5.67
C HIS B 126 -22.91 9.17 -6.83
N SER B 127 -24.02 9.88 -6.63
CA SER B 127 -24.63 10.69 -7.68
C SER B 127 -23.72 11.84 -8.08
N VAL B 128 -22.87 12.31 -7.15
CA VAL B 128 -21.95 13.40 -7.46
C VAL B 128 -20.59 12.84 -7.88
N GLY B 129 -20.52 11.51 -8.02
CA GLY B 129 -19.41 10.86 -8.71
C GLY B 129 -18.32 10.34 -7.76
N PHE B 130 -18.67 10.17 -6.48
CA PHE B 130 -17.68 9.79 -5.47
C PHE B 130 -18.10 8.51 -4.77
N LEU B 131 -17.09 7.70 -4.41
CA LEU B 131 -17.26 6.57 -3.52
C LEU B 131 -16.87 7.01 -2.12
N HIS B 132 -17.63 6.58 -1.12
CA HIS B 132 -17.33 6.95 0.25
C HIS B 132 -16.12 6.18 0.77
N ARG B 133 -16.23 4.85 0.76
CA ARG B 133 -15.16 3.90 1.01
C ARG B 133 -14.93 3.67 2.50
N ASP B 134 -15.70 4.35 3.35
CA ASP B 134 -15.53 4.24 4.80
C ASP B 134 -16.88 4.35 5.50
N ILE B 135 -17.92 3.71 4.93
CA ILE B 135 -19.21 3.66 5.58
C ILE B 135 -19.06 2.84 6.87
N LYS B 136 -19.39 3.48 8.00
CA LYS B 136 -19.32 2.85 9.31
C LYS B 136 -20.16 3.68 10.29
N PRO B 137 -20.68 3.07 11.38
CA PRO B 137 -21.58 3.77 12.31
C PRO B 137 -21.07 5.12 12.81
N SER B 138 -19.75 5.23 13.04
CA SER B 138 -19.18 6.43 13.64
C SER B 138 -19.06 7.55 12.61
N ASN B 139 -19.45 7.28 11.36
CA ASN B 139 -19.41 8.28 10.30
C ASN B 139 -20.80 8.83 10.05
N PHE B 140 -21.73 8.53 10.96
CA PHE B 140 -23.13 8.96 10.87
C PHE B 140 -23.58 9.48 12.23
N ALA B 141 -24.13 10.70 12.25
CA ALA B 141 -24.60 11.32 13.48
C ALA B 141 -25.97 11.95 13.25
N MET B 142 -26.77 11.98 14.32
CA MET B 142 -28.06 12.66 14.33
C MET B 142 -27.83 14.15 14.51
N GLY B 143 -28.75 14.98 13.99
CA GLY B 143 -28.71 16.42 14.20
C GLY B 143 -28.85 16.78 15.67
N ARG B 144 -28.54 18.04 16.02
CA ARG B 144 -28.53 18.45 17.41
C ARG B 144 -29.58 19.53 17.66
N LEU B 145 -30.01 20.21 16.58
CA LEU B 145 -31.07 21.21 16.65
C LEU B 145 -32.41 20.51 16.79
N PRO B 146 -33.50 21.22 17.17
CA PRO B 146 -34.83 20.61 17.25
C PRO B 146 -35.36 20.32 15.85
N SER B 147 -34.79 20.99 14.85
CA SER B 147 -35.25 20.86 13.48
C SER B 147 -34.48 19.77 12.74
N THR B 148 -33.45 19.21 13.39
CA THR B 148 -32.55 18.28 12.72
C THR B 148 -32.37 16.99 13.51
N TYR B 149 -32.97 16.91 14.71
CA TYR B 149 -32.65 15.84 15.66
C TYR B 149 -33.15 14.49 15.16
N ARG B 150 -33.91 14.49 14.05
CA ARG B 150 -34.46 13.28 13.48
C ARG B 150 -33.70 12.91 12.20
N LYS B 151 -32.87 13.83 11.71
CA LYS B 151 -32.09 13.62 10.51
C LYS B 151 -30.80 12.89 10.86
N CYS B 152 -30.35 12.03 9.94
CA CYS B 152 -29.08 11.33 10.05
C CYS B 152 -28.10 11.93 9.04
N TYR B 153 -26.88 12.20 9.49
CA TYR B 153 -25.92 12.94 8.70
C TYR B 153 -24.69 12.07 8.43
N MET B 154 -24.20 12.16 7.18
CA MET B 154 -22.93 11.59 6.76
C MET B 154 -21.83 12.57 7.13
N LEU B 155 -20.80 12.08 7.86
CA LEU B 155 -19.89 12.96 8.59
C LEU B 155 -18.55 13.16 7.86
N ASP B 156 -17.92 12.07 7.43
CA ASP B 156 -16.55 12.16 6.95
C ASP B 156 -16.47 11.77 5.47
N PHE B 157 -15.44 12.27 4.78
CA PHE B 157 -15.24 12.05 3.36
C PHE B 157 -13.76 11.92 3.03
N GLY B 158 -12.96 11.64 4.06
CA GLY B 158 -11.51 11.63 3.93
C GLY B 158 -11.01 10.58 2.94
N LEU B 159 -11.58 9.37 3.01
CA LEU B 159 -11.10 8.24 2.24
C LEU B 159 -11.93 8.10 0.96
N ALA B 160 -12.70 9.13 0.63
CA ALA B 160 -13.52 9.17 -0.57
C ALA B 160 -12.65 9.16 -1.83
N ARG B 161 -13.24 8.72 -2.95
CA ARG B 161 -12.52 8.64 -4.22
C ARG B 161 -13.48 8.85 -5.38
N GLN B 162 -13.05 9.69 -6.34
CA GLN B 162 -13.84 9.99 -7.52
C GLN B 162 -13.79 8.81 -8.50
N TYR B 163 -14.97 8.25 -8.83
CA TYR B 163 -15.05 7.08 -9.68
C TYR B 163 -15.48 7.48 -11.10
N THR B 164 -16.10 8.64 -11.24
CA THR B 164 -16.37 9.20 -12.55
C THR B 164 -15.24 10.15 -12.91
N ASN B 165 -14.99 10.31 -14.22
CA ASN B 165 -14.05 11.31 -14.70
C ASN B 165 -14.82 12.55 -15.17
N THR B 166 -14.14 13.43 -15.90
CA THR B 166 -14.63 14.76 -16.24
C THR B 166 -15.85 14.65 -17.16
N THR B 167 -15.96 13.53 -17.88
CA THR B 167 -16.87 13.41 -19.02
C THR B 167 -18.18 12.69 -18.63
N GLY B 168 -18.29 12.29 -17.35
CA GLY B 168 -19.49 11.61 -16.88
C GLY B 168 -19.43 10.10 -17.10
N ASP B 169 -18.24 9.62 -17.48
CA ASP B 169 -18.00 8.20 -17.67
C ASP B 169 -17.37 7.63 -16.39
N VAL B 170 -17.27 6.30 -16.31
CA VAL B 170 -16.65 5.64 -15.18
C VAL B 170 -15.24 5.22 -15.59
N ARG B 171 -14.25 5.66 -14.81
CA ARG B 171 -12.84 5.43 -15.07
C ARG B 171 -12.52 3.96 -14.79
N PRO B 172 -11.52 3.35 -15.49
CA PRO B 172 -11.17 1.95 -15.28
C PRO B 172 -10.69 1.73 -13.85
N PRO B 173 -11.00 0.57 -13.22
CA PRO B 173 -10.47 0.26 -11.90
C PRO B 173 -8.97 0.02 -12.02
N ARG B 174 -8.23 0.33 -10.95
CA ARG B 174 -6.84 -0.10 -10.89
C ARG B 174 -6.84 -1.61 -10.71
N ASN B 175 -5.75 -2.28 -11.15
CA ASN B 175 -5.66 -3.72 -11.03
C ASN B 175 -5.55 -4.10 -9.56
N VAL B 176 -5.01 -3.18 -8.75
CA VAL B 176 -4.86 -3.40 -7.32
C VAL B 176 -5.08 -2.07 -6.61
N ALA B 177 -5.54 -2.13 -5.36
CA ALA B 177 -5.76 -0.92 -4.58
C ALA B 177 -5.54 -1.20 -3.10
N GLY B 178 -4.97 -0.20 -2.42
CA GLY B 178 -4.74 -0.28 -0.99
C GLY B 178 -6.06 -0.32 -0.23
N PHE B 179 -6.05 -1.05 0.89
CA PHE B 179 -7.22 -1.21 1.75
C PHE B 179 -7.54 0.13 2.42
N ARG B 180 -8.72 0.66 2.11
CA ARG B 180 -9.18 1.92 2.68
C ARG B 180 -10.41 1.66 3.54
N GLY B 181 -10.38 2.17 4.77
CA GLY B 181 -11.55 2.12 5.64
C GLY B 181 -11.36 1.17 6.83
N THR B 182 -12.49 0.90 7.51
CA THR B 182 -12.46 0.11 8.72
C THR B 182 -12.57 -1.37 8.36
N VAL B 183 -11.86 -2.19 9.13
CA VAL B 183 -11.77 -3.62 8.87
C VAL B 183 -13.15 -4.25 8.98
N ARG B 184 -13.90 -3.81 9.99
CA ARG B 184 -15.11 -4.50 10.41
C ARG B 184 -16.17 -4.47 9.31
N TYR B 185 -16.26 -3.35 8.58
CA TYR B 185 -17.39 -3.16 7.68
C TYR B 185 -16.94 -3.21 6.22
N ALA B 186 -15.66 -3.51 5.98
CA ALA B 186 -15.14 -3.60 4.63
C ALA B 186 -15.73 -4.82 3.93
N SER B 187 -16.02 -4.67 2.64
CA SER B 187 -16.50 -5.78 1.81
C SER B 187 -15.35 -6.74 1.53
N VAL B 188 -15.69 -7.95 1.10
CA VAL B 188 -14.67 -8.95 0.81
C VAL B 188 -13.75 -8.41 -0.29
N ASN B 189 -14.31 -7.63 -1.22
CA ASN B 189 -13.55 -7.02 -2.32
C ASN B 189 -12.40 -6.18 -1.77
N ALA B 190 -12.65 -5.43 -0.70
CA ALA B 190 -11.64 -4.59 -0.07
C ALA B 190 -10.55 -5.47 0.55
N HIS B 191 -10.95 -6.55 1.22
CA HIS B 191 -9.99 -7.47 1.81
C HIS B 191 -9.11 -8.09 0.73
N LYS B 192 -9.61 -8.14 -0.52
CA LYS B 192 -8.91 -8.75 -1.63
C LYS B 192 -8.06 -7.72 -2.38
N ASN B 193 -8.07 -6.47 -1.89
CA ASN B 193 -7.25 -5.40 -2.45
C ASN B 193 -7.72 -5.05 -3.86
N ARG B 194 -9.03 -5.20 -4.10
CA ARG B 194 -9.62 -4.79 -5.37
C ARG B 194 -10.03 -3.34 -5.29
N GLU B 195 -10.17 -2.73 -6.48
CA GLU B 195 -10.70 -1.38 -6.58
C GLU B 195 -12.13 -1.41 -6.08
N MET B 196 -12.43 -0.59 -5.06
CA MET B 196 -13.76 -0.54 -4.48
C MET B 196 -14.69 0.20 -5.43
N GLY B 197 -15.90 -0.33 -5.57
CA GLY B 197 -16.96 0.32 -6.33
C GLY B 197 -18.12 0.73 -5.43
N ARG B 198 -19.23 1.14 -6.06
CA ARG B 198 -20.40 1.64 -5.36
C ARG B 198 -21.00 0.54 -4.51
N HIS B 199 -20.88 -0.70 -4.99
CA HIS B 199 -21.46 -1.88 -4.37
C HIS B 199 -20.79 -2.14 -3.01
N ASP B 200 -19.52 -1.73 -2.88
CA ASP B 200 -18.73 -1.97 -1.67
C ASP B 200 -19.22 -1.08 -0.53
N ASP B 201 -19.72 0.11 -0.86
CA ASP B 201 -20.34 1.01 0.11
C ASP B 201 -21.62 0.37 0.62
N LEU B 202 -22.33 -0.34 -0.28
CA LEU B 202 -23.59 -0.98 0.03
C LEU B 202 -23.36 -2.21 0.89
N TRP B 203 -22.22 -2.87 0.67
CA TRP B 203 -21.82 -3.99 1.51
C TRP B 203 -21.65 -3.53 2.96
N SER B 204 -21.07 -2.33 3.14
CA SER B 204 -20.86 -1.79 4.46
C SER B 204 -22.21 -1.50 5.11
N LEU B 205 -23.12 -0.87 4.34
CA LEU B 205 -24.47 -0.63 4.84
C LEU B 205 -25.03 -1.93 5.41
N PHE B 206 -24.87 -3.02 4.65
CA PHE B 206 -25.40 -4.33 5.00
C PHE B 206 -24.87 -4.75 6.37
N TYR B 207 -23.54 -4.83 6.51
CA TYR B 207 -22.93 -5.31 7.75
C TYR B 207 -23.37 -4.43 8.91
N MET B 208 -23.45 -3.12 8.66
CA MET B 208 -23.83 -2.13 9.65
C MET B 208 -25.22 -2.45 10.19
N LEU B 209 -26.19 -2.65 9.28
CA LEU B 209 -27.57 -2.88 9.67
C LEU B 209 -27.69 -4.20 10.42
N VAL B 210 -26.94 -5.22 9.97
CA VAL B 210 -26.97 -6.49 10.67
C VAL B 210 -26.47 -6.27 12.11
N GLU B 211 -25.37 -5.51 12.24
CA GLU B 211 -24.78 -5.25 13.54
C GLU B 211 -25.73 -4.45 14.41
N PHE B 212 -26.44 -3.50 13.77
CA PHE B 212 -27.42 -2.66 14.46
C PHE B 212 -28.50 -3.53 15.09
N ALA B 213 -29.03 -4.49 14.32
CA ALA B 213 -30.24 -5.22 14.69
C ALA B 213 -29.90 -6.46 15.51
N VAL B 214 -28.74 -7.08 15.24
CA VAL B 214 -28.38 -8.34 15.86
C VAL B 214 -27.43 -8.08 17.03
N GLY B 215 -26.63 -7.02 16.94
CA GLY B 215 -25.80 -6.59 18.04
C GLY B 215 -24.32 -6.85 17.80
N GLN B 216 -24.01 -7.78 16.89
CA GLN B 216 -22.63 -8.17 16.66
C GLN B 216 -22.47 -8.77 15.26
N LEU B 217 -21.25 -8.75 14.74
CA LEU B 217 -20.89 -9.48 13.52
C LEU B 217 -19.94 -10.60 13.91
N PRO B 218 -19.89 -11.73 13.13
CA PRO B 218 -19.05 -12.88 13.50
C PRO B 218 -17.58 -12.54 13.74
N TRP B 219 -17.10 -11.46 13.08
CA TRP B 219 -15.70 -11.08 13.10
C TRP B 219 -15.47 -9.89 14.03
N ARG B 220 -16.37 -9.70 15.01
CA ARG B 220 -16.35 -8.54 15.89
C ARG B 220 -15.02 -8.40 16.60
N LYS B 221 -14.48 -9.53 17.09
CA LYS B 221 -13.38 -9.52 18.04
C LYS B 221 -12.02 -9.55 17.33
N ILE B 222 -12.00 -9.98 16.06
CA ILE B 222 -10.73 -10.15 15.37
C ILE B 222 -10.29 -8.81 14.82
N LYS B 223 -9.01 -8.46 15.07
CA LYS B 223 -8.44 -7.19 14.67
C LYS B 223 -7.62 -7.36 13.39
N ASP B 224 -6.94 -8.50 13.27
CA ASP B 224 -6.08 -8.79 12.13
C ASP B 224 -6.87 -8.69 10.83
N LYS B 225 -6.43 -7.78 9.95
CA LYS B 225 -7.14 -7.45 8.73
C LYS B 225 -7.35 -8.70 7.87
N GLU B 226 -6.30 -9.51 7.72
CA GLU B 226 -6.34 -10.63 6.80
C GLU B 226 -7.16 -11.79 7.38
N GLN B 227 -7.28 -11.80 8.71
CA GLN B 227 -8.00 -12.87 9.38
C GLN B 227 -9.50 -12.60 9.31
N VAL B 228 -9.87 -11.32 9.25
CA VAL B 228 -11.26 -10.90 9.09
C VAL B 228 -11.70 -11.26 7.68
N GLY B 229 -10.90 -10.86 6.69
CA GLY B 229 -11.16 -11.17 5.29
C GLY B 229 -11.46 -12.66 5.07
N MET B 230 -10.81 -13.52 5.87
CA MET B 230 -10.96 -14.96 5.71
C MET B 230 -12.31 -15.39 6.29
N ILE B 231 -12.65 -14.83 7.46
CA ILE B 231 -13.91 -15.19 8.11
C ILE B 231 -15.05 -14.82 7.17
N LYS B 232 -14.95 -13.62 6.58
CA LYS B 232 -15.94 -13.07 5.67
C LYS B 232 -16.09 -13.95 4.43
N GLU B 233 -14.95 -14.27 3.79
CA GLU B 233 -14.93 -15.21 2.67
C GLU B 233 -15.65 -16.50 3.03
N LYS B 234 -15.31 -17.07 4.22
CA LYS B 234 -15.75 -18.40 4.63
C LYS B 234 -17.22 -18.38 5.06
N TYR B 235 -17.57 -17.40 5.90
CA TYR B 235 -18.89 -17.30 6.50
C TYR B 235 -19.95 -17.23 5.42
N GLU B 236 -20.94 -18.13 5.52
CA GLU B 236 -22.12 -18.13 4.66
C GLU B 236 -22.97 -16.91 5.01
N HIS B 237 -22.98 -15.91 4.12
CA HIS B 237 -23.57 -14.61 4.43
C HIS B 237 -25.08 -14.71 4.63
N ARG B 238 -25.68 -15.79 4.10
CA ARG B 238 -27.09 -16.06 4.29
C ARG B 238 -27.43 -16.04 5.78
N MET B 239 -26.57 -16.64 6.60
CA MET B 239 -26.85 -16.87 8.01
C MET B 239 -26.85 -15.55 8.79
N LEU B 240 -26.39 -14.47 8.15
CA LEU B 240 -26.38 -13.18 8.81
C LEU B 240 -27.79 -12.61 8.86
N LEU B 241 -28.73 -13.29 8.19
CA LEU B 241 -30.08 -12.77 8.03
C LEU B 241 -31.05 -13.52 8.94
N LYS B 242 -30.50 -14.31 9.86
CA LYS B 242 -31.27 -15.16 10.76
C LYS B 242 -32.30 -14.34 11.54
N HIS B 243 -31.91 -13.14 11.98
CA HIS B 243 -32.81 -12.33 12.78
C HIS B 243 -33.24 -11.07 12.01
N MET B 244 -32.96 -11.08 10.70
CA MET B 244 -33.25 -9.91 9.89
C MET B 244 -34.57 -10.11 9.18
N PRO B 245 -35.27 -9.00 8.80
CA PRO B 245 -36.50 -9.10 8.01
C PRO B 245 -36.23 -9.85 6.70
N SER B 246 -37.25 -10.55 6.19
CA SER B 246 -37.04 -11.54 5.14
C SER B 246 -36.75 -10.90 3.79
N GLU B 247 -37.12 -9.63 3.64
CA GLU B 247 -36.85 -8.90 2.40
C GLU B 247 -35.34 -8.67 2.27
N PHE B 248 -34.61 -8.79 3.39
CA PHE B 248 -33.19 -8.56 3.41
C PHE B 248 -32.45 -9.61 2.58
N HIS B 249 -33.16 -10.70 2.26
CA HIS B 249 -32.63 -11.69 1.33
C HIS B 249 -32.43 -11.08 -0.05
N LEU B 250 -33.40 -10.25 -0.49
CA LEU B 250 -33.34 -9.58 -1.78
C LEU B 250 -32.18 -8.59 -1.76
N PHE B 251 -31.98 -7.94 -0.61
CA PHE B 251 -30.90 -6.99 -0.42
C PHE B 251 -29.58 -7.72 -0.62
N LEU B 252 -29.42 -8.86 0.06
CA LEU B 252 -28.18 -9.61 0.00
C LEU B 252 -27.90 -10.07 -1.42
N ASP B 253 -28.93 -10.60 -2.08
CA ASP B 253 -28.78 -11.18 -3.42
C ASP B 253 -28.38 -10.09 -4.41
N HIS B 254 -28.95 -8.90 -4.26
CA HIS B 254 -28.67 -7.82 -5.19
C HIS B 254 -27.19 -7.44 -5.14
N ILE B 255 -26.67 -7.17 -3.93
CA ILE B 255 -25.32 -6.65 -3.80
C ILE B 255 -24.30 -7.75 -4.13
N ALA B 256 -24.65 -9.01 -3.85
CA ALA B 256 -23.78 -10.14 -4.14
C ALA B 256 -23.60 -10.28 -5.66
N SER B 257 -24.55 -9.72 -6.42
CA SER B 257 -24.57 -9.83 -7.86
C SER B 257 -23.86 -8.66 -8.52
N LEU B 258 -23.41 -7.68 -7.73
CA LEU B 258 -22.82 -6.48 -8.29
C LEU B 258 -21.29 -6.61 -8.34
N ASP B 259 -20.69 -5.96 -9.34
CA ASP B 259 -19.25 -5.74 -9.39
C ASP B 259 -19.00 -4.24 -9.49
N TYR B 260 -17.76 -3.87 -9.82
CA TYR B 260 -17.34 -2.48 -9.82
C TYR B 260 -18.11 -1.69 -10.88
N PHE B 261 -18.50 -2.37 -11.96
CA PHE B 261 -18.91 -1.72 -13.19
C PHE B 261 -20.41 -1.46 -13.22
N THR B 262 -21.17 -2.28 -12.49
CA THR B 262 -22.62 -2.22 -12.56
C THR B 262 -23.13 -1.23 -11.52
N LYS B 263 -24.05 -0.36 -11.95
CA LYS B 263 -24.72 0.57 -11.05
C LYS B 263 -25.60 -0.24 -10.11
N PRO B 264 -25.61 0.06 -8.79
CA PRO B 264 -26.53 -0.60 -7.86
C PRO B 264 -27.95 -0.10 -8.05
N ASP B 265 -28.93 -1.01 -7.97
CA ASP B 265 -30.34 -0.64 -7.96
C ASP B 265 -30.70 -0.18 -6.56
N TYR B 266 -30.59 1.13 -6.32
CA TYR B 266 -30.83 1.70 -5.00
C TYR B 266 -32.31 1.54 -4.63
N GLN B 267 -33.18 1.70 -5.63
CA GLN B 267 -34.62 1.57 -5.47
C GLN B 267 -34.95 0.22 -4.84
N LEU B 268 -34.34 -0.85 -5.37
CA LEU B 268 -34.53 -2.21 -4.88
C LEU B 268 -34.27 -2.27 -3.37
N ILE B 269 -33.14 -1.69 -2.94
CA ILE B 269 -32.71 -1.77 -1.56
C ILE B 269 -33.63 -0.92 -0.68
N MET B 270 -34.12 0.19 -1.24
CA MET B 270 -35.02 1.08 -0.53
C MET B 270 -36.34 0.37 -0.27
N SER B 271 -36.86 -0.34 -1.28
CA SER B 271 -38.07 -1.13 -1.17
C SER B 271 -37.95 -2.08 0.02
N VAL B 272 -36.84 -2.83 0.05
CA VAL B 272 -36.60 -3.79 1.11
C VAL B 272 -36.84 -3.14 2.46
N PHE B 273 -36.34 -1.91 2.65
CA PHE B 273 -36.48 -1.23 3.92
C PHE B 273 -37.94 -0.84 4.16
N GLU B 274 -38.57 -0.23 3.14
CA GLU B 274 -39.93 0.26 3.23
C GLU B 274 -40.91 -0.89 3.44
N ASN B 275 -40.77 -1.95 2.65
CA ASN B 275 -41.60 -3.14 2.80
C ASN B 275 -41.37 -3.75 4.17
N SER B 276 -40.11 -3.73 4.65
CA SER B 276 -39.79 -4.28 5.94
C SER B 276 -40.48 -3.49 7.04
N MET B 277 -40.68 -2.20 6.80
CA MET B 277 -41.26 -1.28 7.77
C MET B 277 -42.77 -1.47 7.81
N LYS B 278 -43.41 -1.58 6.64
CA LYS B 278 -44.85 -1.71 6.54
C LYS B 278 -45.30 -3.05 7.11
N GLU B 279 -44.55 -4.11 6.79
CA GLU B 279 -44.91 -5.47 7.18
C GLU B 279 -44.77 -5.65 8.69
N ARG B 280 -44.29 -4.60 9.37
CA ARG B 280 -44.16 -4.57 10.82
C ARG B 280 -44.99 -3.42 11.40
N GLY B 281 -45.64 -2.65 10.51
CA GLY B 281 -46.46 -1.52 10.92
C GLY B 281 -45.64 -0.47 11.68
N ILE B 282 -44.44 -0.21 11.17
CA ILE B 282 -43.51 0.79 11.69
C ILE B 282 -43.82 2.12 11.00
N ALA B 283 -44.26 3.11 11.78
CA ALA B 283 -44.59 4.43 11.26
C ALA B 283 -43.31 5.19 10.91
N GLU B 284 -43.39 6.00 9.85
CA GLU B 284 -42.28 6.82 9.38
C GLU B 284 -41.81 7.76 10.49
N ASN B 285 -42.74 8.27 11.29
CA ASN B 285 -42.48 9.33 12.24
C ASN B 285 -42.49 8.81 13.67
N GLU B 286 -42.03 7.56 13.85
CA GLU B 286 -41.91 6.99 15.18
C GLU B 286 -40.71 7.61 15.91
N ALA B 287 -40.56 7.28 17.19
CA ALA B 287 -39.42 7.73 17.97
C ALA B 287 -38.26 6.77 17.77
N PHE B 288 -37.03 7.32 17.75
CA PHE B 288 -35.82 6.51 17.77
C PHE B 288 -35.54 6.07 19.20
N ASP B 289 -34.86 4.92 19.34
CA ASP B 289 -34.68 4.23 20.60
C ASP B 289 -34.09 5.12 21.68
N TRP B 290 -33.29 6.11 21.26
CA TRP B 290 -32.51 6.93 22.19
C TRP B 290 -33.33 8.12 22.70
N GLU B 291 -34.59 8.21 22.25
CA GLU B 291 -35.46 9.32 22.61
C GLU B 291 -36.38 8.90 23.77
N LYS B 292 -36.71 7.60 23.81
CA LYS B 292 -37.73 7.06 24.71
C LYS B 292 -37.35 7.33 26.18
C4 CGI C . 30.77 -9.01 -1.06
C14 CGI C . 30.60 -7.95 -9.85
C5 CGI C . 31.21 -9.02 -3.46
C6 CGI C . 29.96 -8.57 -3.83
C11 CGI C . 31.22 -7.01 -10.72
C7 CGI C . 29.65 -8.43 -5.17
C8 CGI C . 30.59 -8.75 -6.16
C9 CGI C . 30.86 -7.79 -8.47
C10 CGI C . 32.18 -5.97 -8.99
C12 CGI C . 30.03 -8.43 -11.97
C13 CGI C . 29.84 -8.83 -10.69
N1 CGI C . 30.31 -8.62 -7.54
N2 CGI C . 31.65 -6.78 -8.06
C3 CGI C . 29.92 -10.03 -0.67
N3 CGI C . 32.02 -6.02 -10.32
CL1 CGI C . 28.06 -8.38 2.45
C1 CGI C . 29.12 -8.64 1.09
C2 CGI C . 29.08 -9.83 0.41
O1 CGI C . 31.62 -9.20 -2.14
N4 CGI C . 30.86 -7.32 -12.00
C15 CGI C . 31.83 -9.21 -5.76
C16 CGI C . 32.15 -9.34 -4.43
C17 CGI C . 30.81 -7.81 -0.38
C18 CGI C . 29.97 -7.62 0.70
S SO4 D . -5.48 -11.43 -10.56
O1 SO4 D . -4.71 -10.41 -11.24
O2 SO4 D . -6.24 -10.83 -9.49
O3 SO4 D . -6.36 -12.05 -11.52
O4 SO4 D . -4.60 -12.42 -10.02
C1 GOL E . 3.73 -22.84 -17.10
O1 GOL E . 4.20 -22.27 -18.31
C2 GOL E . 4.89 -23.36 -16.26
O2 GOL E . 4.38 -23.78 -15.00
C3 GOL E . 5.62 -24.50 -16.94
O3 GOL E . 6.61 -25.07 -16.09
H11 GOL E . 3.12 -23.58 -17.30
H12 GOL E . 3.24 -22.16 -16.59
HO1 GOL E . 3.61 -22.38 -18.91
H2 GOL E . 5.52 -22.62 -16.13
HO2 GOL E . 3.66 -24.21 -15.13
H31 GOL E . 6.05 -24.16 -17.76
H32 GOL E . 4.97 -25.20 -17.19
HO3 GOL E . 7.17 -24.48 -15.88
C1 GOL F . 14.57 -22.50 -8.48
O1 GOL F . 14.47 -21.14 -8.90
C2 GOL F . 13.83 -22.70 -7.18
O2 GOL F . 13.96 -24.07 -6.80
C3 GOL F . 14.32 -21.81 -6.07
O3 GOL F . 13.91 -22.30 -4.81
H11 GOL F . 15.52 -22.73 -8.35
H12 GOL F . 14.18 -23.09 -9.17
HO1 GOL F . 15.05 -21.01 -9.54
H2 GOL F . 12.88 -22.52 -7.34
HO2 GOL F . 14.78 -24.21 -6.63
H31 GOL F . 13.96 -20.90 -6.21
H32 GOL F . 15.30 -21.76 -6.10
HO3 GOL F . 13.06 -22.24 -4.75
C1 GOL G . 26.11 -4.64 8.20
O1 GOL G . 25.85 -6.00 8.52
C2 GOL G . 25.82 -3.73 9.36
O2 GOL G . 26.26 -2.41 9.05
C3 GOL G . 24.35 -3.72 9.76
O3 GOL G . 23.87 -2.41 10.07
H11 GOL G . 25.56 -4.37 7.43
H12 GOL G . 27.06 -4.54 7.94
HO1 GOL G . 25.19 -6.26 8.06
H2 GOL G . 26.33 -4.05 10.14
HO2 GOL G . 25.59 -1.93 8.85
H31 GOL G . 24.23 -4.31 10.55
H32 GOL G . 23.81 -4.09 9.02
HO3 GOL G . 24.22 -2.17 10.81
C4 CGI H . -16.18 8.59 17.88
C14 CGI H . -18.95 15.61 13.29
C5 CGI H . -16.79 10.84 17.16
C6 CGI H . -17.02 10.45 15.87
C11 CGI H . -19.92 16.65 13.44
C7 CGI H . -17.41 11.39 14.92
C8 CGI H . -17.56 12.73 15.28
C9 CGI H . -18.84 14.70 14.36
C10 CGI H . -20.50 15.86 15.45
C12 CGI H . -18.94 16.93 11.46
C13 CGI H . -18.35 15.82 12.01
N1 CGI H . -17.95 13.67 14.30
N2 CGI H . -19.63 14.84 15.44
C3 CGI H . -17.02 7.67 18.44
N3 CGI H . -20.70 16.79 14.52
CL1 CGI H . -15.56 4.23 17.06
C1 CGI H . -15.79 5.93 17.38
C2 CGI H . -16.83 6.33 18.19
O1 CGI H . -16.39 9.94 18.15
N4 CGI H . -19.89 17.43 12.32
C15 CGI H . -17.31 13.10 16.60
C16 CGI H . -16.92 12.16 17.54
C17 CGI H . -15.12 8.20 17.07
C18 CGI H . -14.93 6.84 16.82
S SO4 I . -6.55 5.84 -2.91
O1 SO4 I . -7.30 6.53 -3.93
O2 SO4 I . -6.74 6.48 -1.64
O3 SO4 I . -5.15 5.86 -3.25
O4 SO4 I . -6.98 4.47 -2.83
S SO4 J . -20.77 -16.26 1.08
O1 SO4 J . -20.60 -14.85 1.31
O2 SO4 J . -22.00 -16.69 1.68
O3 SO4 J . -20.80 -16.53 -0.34
O4 SO4 J . -19.67 -16.98 1.67
S SO4 K . -17.97 -3.19 19.67
O1 SO4 K . -17.40 -2.00 19.09
O2 SO4 K . -18.59 -2.86 20.92
O3 SO4 K . -18.96 -3.74 18.78
O4 SO4 K . -16.91 -4.15 19.89
#